data_6ZVA
#
_entry.id   6ZVA
#
_cell.length_a   97.820
_cell.length_b   97.820
_cell.length_c   111.690
_cell.angle_alpha   90.000
_cell.angle_beta   90.000
_cell.angle_gamma   120.000
#
_symmetry.space_group_name_H-M   'H 3 2'
#
loop_
_entity.id
_entity.type
_entity.pdbx_description
1 polymer Myomesin-1
2 non-polymer 'SULFATE ION'
3 water water
#
_entity_poly.entity_id   1
_entity_poly.type   'polypeptide(L)'
_entity_poly.pdbx_seq_one_letter_code
;GPSEGIVPGPPTDLSVTEATRSYVVLSWKPPGQRGHEGIMYFVEKCEAGTENWQRVNTELPVKSPRFALFDLAEGKSYCF
RVRCSNSAGVGEPSEATEVTVVGDK
;
_entity_poly.pdbx_strand_id   B,A
#
# COMPACT_ATOMS: atom_id res chain seq x y z
N GLY A 5 23.13 15.25 23.71
CA GLY A 5 21.93 14.77 23.05
C GLY A 5 20.70 14.83 23.93
N ILE A 6 19.52 14.89 23.32
CA ILE A 6 18.25 14.97 24.04
C ILE A 6 17.24 14.06 23.34
N VAL A 7 16.74 13.07 24.06
CA VAL A 7 15.78 12.11 23.48
C VAL A 7 14.46 12.82 23.22
N PRO A 8 13.76 12.52 22.12
CA PRO A 8 12.50 13.21 21.84
C PRO A 8 11.40 12.75 22.80
N GLY A 9 10.34 13.55 22.83
CA GLY A 9 9.16 13.19 23.57
C GLY A 9 8.29 12.21 22.81
N PRO A 10 7.18 11.82 23.44
CA PRO A 10 6.28 10.84 22.82
C PRO A 10 5.34 11.50 21.83
N PRO A 11 5.00 10.81 20.74
CA PRO A 11 3.94 11.28 19.85
C PRO A 11 2.62 11.36 20.59
N THR A 12 1.66 12.09 20.01
CA THR A 12 0.35 12.27 20.61
C THR A 12 -0.72 12.10 19.53
N ASP A 13 -1.96 11.94 19.99
CA ASP A 13 -3.14 11.92 19.14
C ASP A 13 -3.05 10.84 18.07
N LEU A 14 -2.69 9.63 18.48
CA LEU A 14 -2.64 8.51 17.54
C LEU A 14 -4.06 8.09 17.19
N SER A 15 -4.33 7.92 15.89
CA SER A 15 -5.65 7.57 15.38
C SER A 15 -5.49 6.50 14.32
N VAL A 16 -6.47 5.60 14.25
CA VAL A 16 -6.39 4.44 13.36
C VAL A 16 -7.72 4.23 12.64
N THR A 17 -7.66 4.09 11.32
CA THR A 17 -8.80 3.67 10.52
C THR A 17 -8.44 2.41 9.76
N GLU A 18 -9.45 1.57 9.52
CA GLU A 18 -9.24 0.22 9.00
C GLU A 18 -10.29 -0.08 7.94
N ALA A 19 -9.89 -0.79 6.88
CA ALA A 19 -10.83 -1.17 5.85
C ALA A 19 -10.52 -2.57 5.34
N THR A 20 -11.53 -3.42 5.31
CA THR A 20 -11.44 -4.73 4.67
C THR A 20 -12.25 -4.67 3.38
N ARG A 21 -11.59 -4.83 2.25
CA ARG A 21 -12.27 -4.80 0.97
C ARG A 21 -11.55 -5.74 -0.01
N SER A 22 -12.06 -5.77 -1.23
CA SER A 22 -11.53 -6.68 -2.22
C SER A 22 -10.27 -6.09 -2.84
N TYR A 23 -9.27 -6.95 -3.02
CA TYR A 23 -7.95 -6.54 -3.52
C TYR A 23 -7.70 -7.26 -4.83
N VAL A 24 -7.48 -6.49 -5.89
CA VAL A 24 -7.37 -7.01 -7.25
C VAL A 24 -5.90 -7.00 -7.67
N VAL A 25 -5.43 -8.16 -8.12
CA VAL A 25 -4.03 -8.37 -8.48
C VAL A 25 -3.95 -8.70 -9.96
N LEU A 26 -3.13 -7.96 -10.70
CA LEU A 26 -2.90 -8.21 -12.12
C LEU A 26 -1.49 -8.74 -12.35
N SER A 27 -1.36 -9.56 -13.40
CA SER A 27 -0.06 -10.08 -13.80
C SER A 27 -0.15 -10.49 -15.27
N TRP A 28 0.98 -10.32 -15.96
CA TRP A 28 1.03 -10.59 -17.39
C TRP A 28 2.47 -10.88 -17.79
N LYS A 29 2.64 -11.39 -19.01
CA LYS A 29 3.98 -11.64 -19.53
C LYS A 29 4.43 -10.52 -20.46
N PRO A 30 5.69 -10.12 -20.40
CA PRO A 30 6.19 -9.07 -21.29
C PRO A 30 6.20 -9.53 -22.74
N PRO A 31 6.17 -8.59 -23.68
CA PRO A 31 6.23 -8.95 -25.11
C PRO A 31 7.66 -9.24 -25.54
N GLY A 32 7.77 -9.88 -26.70
CA GLY A 32 9.06 -9.97 -27.36
C GLY A 32 9.46 -8.64 -27.95
N GLN A 33 9.82 -7.68 -27.09
CA GLN A 33 10.24 -6.35 -27.53
C GLN A 33 10.91 -5.59 -26.39
N GLU A 37 15.41 -1.92 -24.67
CA GLU A 37 15.76 -0.86 -23.74
C GLU A 37 14.82 -0.88 -22.53
N GLY A 38 14.72 0.22 -21.79
CA GLY A 38 13.80 0.24 -20.67
C GLY A 38 12.35 0.34 -21.11
N ILE A 39 11.49 -0.43 -20.45
CA ILE A 39 10.09 -0.54 -20.80
C ILE A 39 9.24 -0.26 -19.57
N MET A 40 8.04 0.27 -19.79
CA MET A 40 7.07 0.48 -18.73
C MET A 40 5.69 0.09 -19.27
N TYR A 41 4.78 -0.16 -18.34
CA TYR A 41 3.45 -0.67 -18.69
C TYR A 41 2.38 0.36 -18.33
N PHE A 42 1.34 0.42 -19.15
CA PHE A 42 0.18 1.29 -18.91
C PHE A 42 -1.07 0.43 -18.80
N VAL A 43 -1.76 0.56 -17.67
CA VAL A 43 -2.92 -0.26 -17.35
C VAL A 43 -4.18 0.52 -17.71
N GLU A 44 -5.13 -0.16 -18.36
CA GLU A 44 -6.38 0.45 -18.76
C GLU A 44 -7.54 -0.34 -18.17
N LYS A 45 -8.61 0.38 -17.83
CA LYS A 45 -9.75 -0.17 -17.11
C LYS A 45 -11.05 0.25 -17.78
N CYS A 46 -12.03 -0.66 -17.74
CA CYS A 46 -13.38 -0.37 -18.24
C CYS A 46 -14.36 -1.35 -17.59
N GLU A 47 -15.56 -0.88 -17.27
CA GLU A 47 -16.58 -1.73 -16.67
C GLU A 47 -17.01 -2.82 -17.64
N ALA A 48 -17.57 -3.90 -17.10
CA ALA A 48 -17.88 -5.10 -17.88
C ALA A 48 -18.56 -4.79 -19.21
N GLY A 49 -19.38 -3.74 -19.26
CA GLY A 49 -19.82 -3.25 -20.55
C GLY A 49 -18.62 -2.64 -21.26
N THR A 50 -17.83 -3.46 -21.96
CA THR A 50 -16.51 -3.06 -22.47
C THR A 50 -16.67 -2.03 -23.58
N GLU A 51 -16.91 -0.79 -23.18
CA GLU A 51 -16.91 0.33 -24.10
C GLU A 51 -15.96 1.44 -23.69
N ASN A 52 -16.01 1.89 -22.44
CA ASN A 52 -15.31 3.10 -22.02
C ASN A 52 -13.99 2.71 -21.37
N TRP A 53 -12.93 2.62 -22.20
CA TRP A 53 -11.59 2.30 -21.72
C TRP A 53 -10.94 3.55 -21.16
N GLN A 54 -10.50 3.47 -19.90
CA GLN A 54 -9.85 4.57 -19.20
C GLN A 54 -8.48 4.12 -18.70
N ARG A 55 -7.50 5.00 -18.78
CA ARG A 55 -6.18 4.68 -18.28
C ARG A 55 -6.17 4.74 -16.77
N VAL A 56 -5.50 3.78 -16.14
CA VAL A 56 -5.34 3.74 -14.69
C VAL A 56 -4.07 4.53 -14.35
N ASN A 57 -4.24 5.76 -13.90
CA ASN A 57 -3.10 6.59 -13.57
C ASN A 57 -2.42 6.08 -12.30
N THR A 58 -1.10 6.24 -12.25
CA THR A 58 -0.29 5.72 -11.16
C THR A 58 0.63 6.82 -10.65
N GLU A 59 1.04 6.68 -9.39
CA GLU A 59 2.01 7.58 -8.78
C GLU A 59 3.42 7.32 -9.30
N LEU A 60 3.76 6.06 -9.54
CA LEU A 60 5.05 5.65 -10.06
C LEU A 60 4.86 4.95 -11.41
N PRO A 61 5.86 5.00 -12.29
CA PRO A 61 5.80 4.17 -13.50
C PRO A 61 5.78 2.68 -13.17
N VAL A 62 4.95 1.95 -13.91
CA VAL A 62 4.84 0.50 -13.75
C VAL A 62 5.97 -0.15 -14.54
N LYS A 63 7.06 -0.47 -13.84
CA LYS A 63 8.24 -1.05 -14.49
C LYS A 63 8.26 -2.57 -14.46
N SER A 64 7.41 -3.21 -13.67
CA SER A 64 7.30 -4.67 -13.54
C SER A 64 5.98 -5.17 -14.14
N PRO A 65 5.93 -6.44 -14.61
CA PRO A 65 4.71 -6.99 -15.21
C PRO A 65 3.62 -7.37 -14.21
N ARG A 66 3.35 -6.47 -13.26
CA ARG A 66 2.38 -6.74 -12.21
C ARG A 66 1.85 -5.41 -11.67
N PHE A 67 0.61 -5.45 -11.20
CA PHE A 67 -0.06 -4.27 -10.66
C PHE A 67 -1.17 -4.73 -9.74
N ALA A 68 -1.56 -3.85 -8.82
CA ALA A 68 -2.60 -4.16 -7.86
C ALA A 68 -3.41 -2.91 -7.56
N LEU A 69 -4.71 -3.12 -7.29
CA LEU A 69 -5.60 -2.05 -6.85
C LEU A 69 -6.35 -2.52 -5.61
N PHE A 70 -6.54 -1.60 -4.65
CA PHE A 70 -7.14 -1.97 -3.37
C PHE A 70 -8.52 -1.37 -3.15
N ASP A 71 -8.96 -0.42 -3.96
CA ASP A 71 -10.25 0.22 -3.74
C ASP A 71 -11.07 0.28 -5.02
N LEU A 72 -11.21 -0.85 -5.70
CA LEU A 72 -12.21 -0.96 -6.76
C LEU A 72 -13.60 -1.12 -6.16
N ALA A 73 -14.61 -0.65 -6.90
CA ALA A 73 -15.99 -0.67 -6.41
C ALA A 73 -16.50 -2.09 -6.27
N GLU A 74 -16.97 -2.44 -5.07
CA GLU A 74 -17.46 -3.80 -4.83
C GLU A 74 -18.82 -4.02 -5.51
N GLY A 75 -18.99 -5.23 -6.05
CA GLY A 75 -20.17 -5.57 -6.81
C GLY A 75 -20.14 -5.15 -8.26
N LYS A 76 -19.09 -4.49 -8.72
CA LYS A 76 -18.92 -4.10 -10.12
C LYS A 76 -17.95 -5.05 -10.81
N SER A 77 -18.16 -5.25 -12.12
CA SER A 77 -17.29 -6.09 -12.93
C SER A 77 -16.47 -5.22 -13.87
N TYR A 78 -15.17 -5.53 -13.98
CA TYR A 78 -14.24 -4.73 -14.76
C TYR A 78 -13.50 -5.59 -15.77
N CYS A 79 -12.99 -4.92 -16.80
CA CYS A 79 -12.06 -5.51 -17.76
C CYS A 79 -10.75 -4.72 -17.73
N PHE A 80 -9.64 -5.43 -17.84
CA PHE A 80 -8.31 -4.82 -17.79
C PHE A 80 -7.49 -5.23 -19.01
N ARG A 81 -6.62 -4.33 -19.43
CA ARG A 81 -5.69 -4.59 -20.52
C ARG A 81 -4.46 -3.72 -20.32
N VAL A 82 -3.31 -4.22 -20.76
CA VAL A 82 -2.01 -3.61 -20.49
C VAL A 82 -1.30 -3.33 -21.80
N ARG A 83 -0.61 -2.18 -21.85
CA ARG A 83 0.22 -1.83 -22.98
C ARG A 83 1.65 -1.62 -22.50
N CYS A 84 2.59 -1.84 -23.40
CA CYS A 84 4.00 -1.66 -23.12
C CYS A 84 4.48 -0.35 -23.75
N SER A 85 5.45 0.30 -23.10
CA SER A 85 5.94 1.59 -23.56
C SER A 85 7.46 1.60 -23.59
N ASN A 86 8.01 2.09 -24.70
CA ASN A 86 9.44 2.29 -24.88
C ASN A 86 9.75 3.78 -24.90
N SER A 87 11.00 4.12 -25.23
CA SER A 87 11.31 5.48 -25.65
C SER A 87 10.78 5.75 -27.05
N ALA A 88 10.48 4.70 -27.82
CA ALA A 88 9.93 4.88 -29.16
C ALA A 88 8.47 5.29 -29.13
N GLY A 89 7.67 4.64 -28.29
CA GLY A 89 6.26 4.94 -28.24
C GLY A 89 5.52 3.91 -27.41
N VAL A 90 4.20 3.92 -27.56
CA VAL A 90 3.30 3.03 -26.84
C VAL A 90 2.74 2.00 -27.81
N GLY A 91 2.85 0.73 -27.45
CA GLY A 91 2.41 -0.37 -28.29
C GLY A 91 0.95 -0.72 -28.10
N GLU A 92 0.51 -1.72 -28.88
CA GLU A 92 -0.89 -2.11 -28.89
C GLU A 92 -1.24 -2.88 -27.60
N PRO A 93 -2.50 -2.85 -27.19
CA PRO A 93 -2.87 -3.47 -25.91
C PRO A 93 -2.95 -4.99 -25.99
N SER A 94 -2.90 -5.60 -24.82
CA SER A 94 -3.07 -7.04 -24.68
C SER A 94 -4.56 -7.40 -24.78
N GLU A 95 -4.83 -8.70 -24.79
CA GLU A 95 -6.20 -9.17 -24.68
C GLU A 95 -6.74 -8.86 -23.28
N ALA A 96 -8.03 -8.55 -23.21
CA ALA A 96 -8.63 -8.14 -21.94
C ALA A 96 -8.96 -9.36 -21.09
N THR A 97 -9.04 -9.12 -19.78
CA THR A 97 -9.45 -10.13 -18.80
C THR A 97 -10.44 -9.50 -17.84
N GLU A 98 -11.45 -10.28 -17.44
CA GLU A 98 -12.55 -9.81 -16.62
C GLU A 98 -12.35 -10.24 -15.16
N VAL A 99 -12.86 -9.42 -14.25
CA VAL A 99 -12.91 -9.77 -12.82
C VAL A 99 -14.17 -9.19 -12.23
N THR A 100 -14.74 -9.93 -11.28
CA THR A 100 -15.87 -9.45 -10.49
C THR A 100 -15.38 -9.26 -9.06
N VAL A 101 -15.50 -8.05 -8.55
CA VAL A 101 -15.03 -7.76 -7.20
C VAL A 101 -16.20 -7.77 -6.23
N VAL B 7 8.37 0.68 -31.38
CA VAL B 7 7.30 0.48 -30.42
C VAL B 7 7.28 -0.96 -29.95
N PRO B 8 7.01 -1.18 -28.66
CA PRO B 8 7.00 -2.55 -28.12
C PRO B 8 5.79 -3.34 -28.60
N GLY B 9 5.88 -4.65 -28.42
CA GLY B 9 4.75 -5.51 -28.67
C GLY B 9 3.76 -5.50 -27.51
N PRO B 10 2.68 -6.25 -27.66
CA PRO B 10 1.67 -6.31 -26.61
C PRO B 10 2.03 -7.32 -25.53
N PRO B 11 1.71 -7.03 -24.28
CA PRO B 11 1.83 -8.06 -23.25
C PRO B 11 0.91 -9.24 -23.52
N THR B 12 1.20 -10.37 -22.87
CA THR B 12 0.42 -11.57 -23.08
C THR B 12 0.12 -12.23 -21.74
N ASP B 13 -0.83 -13.17 -21.77
CA ASP B 13 -1.17 -13.99 -20.62
C ASP B 13 -1.54 -13.11 -19.42
N LEU B 14 -2.35 -12.10 -19.68
CA LEU B 14 -2.77 -11.21 -18.61
C LEU B 14 -3.77 -11.94 -17.74
N SER B 15 -3.55 -11.88 -16.42
CA SER B 15 -4.41 -12.57 -15.47
C SER B 15 -4.77 -11.64 -14.34
N VAL B 16 -6.01 -11.73 -13.88
CA VAL B 16 -6.52 -10.86 -12.82
C VAL B 16 -7.28 -11.73 -11.84
N THR B 17 -6.84 -11.71 -10.58
CA THR B 17 -7.49 -12.45 -9.50
C THR B 17 -7.91 -11.51 -8.38
N GLU B 18 -8.86 -11.97 -7.58
CA GLU B 18 -9.56 -11.14 -6.63
C GLU B 18 -9.47 -11.81 -5.25
N ALA B 19 -9.11 -11.02 -4.25
CA ALA B 19 -8.90 -11.49 -2.89
C ALA B 19 -9.31 -10.38 -1.92
N THR B 20 -9.88 -10.77 -0.80
CA THR B 20 -10.27 -9.82 0.24
C THR B 20 -9.13 -9.67 1.24
N ARG B 21 -8.71 -8.42 1.45
CA ARG B 21 -7.60 -8.12 2.35
C ARG B 21 -7.97 -6.94 3.24
N SER B 22 -7.08 -6.64 4.17
CA SER B 22 -7.27 -5.59 5.16
C SER B 22 -6.16 -4.56 5.08
N TYR B 23 -6.51 -3.29 5.21
CA TYR B 23 -5.54 -2.21 5.28
C TYR B 23 -5.80 -1.39 6.52
N VAL B 24 -4.79 -1.27 7.37
CA VAL B 24 -4.86 -0.50 8.60
C VAL B 24 -4.00 0.74 8.43
N VAL B 25 -4.55 1.91 8.72
CA VAL B 25 -3.84 3.18 8.54
C VAL B 25 -3.70 3.85 9.89
N LEU B 26 -2.46 4.17 10.27
CA LEU B 26 -2.16 4.87 11.51
C LEU B 26 -1.71 6.29 11.20
N SER B 27 -1.96 7.19 12.15
CA SER B 27 -1.56 8.58 12.01
C SER B 27 -1.46 9.20 13.40
N TRP B 28 -0.51 10.13 13.54
CA TRP B 28 -0.26 10.78 14.81
C TRP B 28 0.43 12.12 14.54
N LYS B 29 0.54 12.93 15.60
CA LYS B 29 1.24 14.22 15.62
C LYS B 29 2.61 14.07 16.27
N PRO B 30 3.64 14.74 15.76
CA PRO B 30 4.95 14.68 16.41
C PRO B 30 4.90 15.32 17.78
N PRO B 31 5.83 14.98 18.66
CA PRO B 31 5.82 15.56 20.00
C PRO B 31 6.26 17.02 20.00
N GLY B 32 5.92 17.70 21.09
CA GLY B 32 6.44 19.04 21.30
C GLY B 32 7.92 19.02 21.63
N GLN B 33 8.35 18.08 22.46
CA GLN B 33 9.75 17.93 22.82
C GLN B 33 10.40 17.07 21.74
N ARG B 34 10.99 17.71 20.74
CA ARG B 34 11.48 17.00 19.57
C ARG B 34 12.92 16.52 19.70
N GLY B 35 13.62 16.88 20.76
CA GLY B 35 15.02 16.56 20.86
C GLY B 35 15.87 17.58 20.14
N HIS B 36 17.17 17.26 20.06
CA HIS B 36 18.15 18.20 19.55
C HIS B 36 18.22 18.25 18.03
N GLU B 37 17.57 17.32 17.33
CA GLU B 37 17.73 17.23 15.88
C GLU B 37 16.46 16.74 15.20
N GLY B 38 16.63 16.13 14.02
CA GLY B 38 15.52 15.51 13.32
C GLY B 38 15.02 14.27 14.04
N ILE B 39 13.80 13.86 13.70
CA ILE B 39 13.13 12.78 14.41
C ILE B 39 12.86 11.62 13.47
N MET B 40 12.79 10.43 14.05
CA MET B 40 12.43 9.21 13.35
C MET B 40 11.41 8.46 14.20
N TYR B 41 10.57 7.65 13.56
CA TYR B 41 9.47 6.99 14.26
C TYR B 41 9.61 5.47 14.20
N PHE B 42 9.25 4.82 15.30
CA PHE B 42 9.20 3.36 15.39
C PHE B 42 7.80 2.96 15.85
N VAL B 43 7.14 2.10 15.08
CA VAL B 43 5.78 1.66 15.36
C VAL B 43 5.82 0.31 16.07
N GLU B 44 5.00 0.16 17.10
CA GLU B 44 4.92 -1.08 17.85
C GLU B 44 3.49 -1.62 17.83
N LYS B 45 3.37 -2.94 17.89
CA LYS B 45 2.10 -3.64 17.74
C LYS B 45 1.93 -4.61 18.90
N CYS B 46 0.68 -4.82 19.32
CA CYS B 46 0.37 -5.75 20.39
C CYS B 46 -1.05 -6.27 20.23
N GLU B 47 -1.22 -7.59 20.35
CA GLU B 47 -2.53 -8.20 20.21
C GLU B 47 -3.39 -7.95 21.45
N ALA B 48 -4.71 -7.90 21.24
CA ALA B 48 -5.65 -7.63 22.32
C ALA B 48 -5.55 -8.65 23.45
N GLY B 49 -5.30 -9.91 23.12
CA GLY B 49 -5.12 -10.93 24.13
C GLY B 49 -3.86 -10.75 24.95
N THR B 50 -2.71 -10.73 24.28
CA THR B 50 -1.43 -10.71 24.96
C THR B 50 -1.18 -9.33 25.56
N GLU B 51 -0.02 -9.19 26.19
CA GLU B 51 0.51 -7.90 26.63
C GLU B 51 1.89 -7.67 26.05
N ASN B 52 2.14 -8.29 24.90
CA ASN B 52 3.46 -8.40 24.28
C ASN B 52 3.60 -7.34 23.18
N TRP B 53 4.25 -6.22 23.51
CA TRP B 53 4.51 -5.18 22.52
C TRP B 53 5.72 -5.55 21.67
N GLN B 54 5.53 -5.61 20.36
CA GLN B 54 6.61 -5.93 19.43
C GLN B 54 6.70 -4.82 18.38
N ARG B 55 7.92 -4.48 18.00
CA ARG B 55 8.14 -3.46 17.00
C ARG B 55 7.84 -3.98 15.60
N VAL B 56 7.25 -3.13 14.77
CA VAL B 56 7.00 -3.45 13.38
C VAL B 56 8.26 -3.01 12.63
N ASN B 57 9.12 -3.97 12.33
CA ASN B 57 10.36 -3.67 11.63
C ASN B 57 10.06 -3.28 10.19
N THR B 58 10.86 -2.35 9.66
CA THR B 58 10.60 -1.74 8.37
C THR B 58 11.83 -1.76 7.47
N GLU B 59 11.56 -1.70 6.16
CA GLU B 59 12.63 -1.58 5.17
C GLU B 59 13.24 -0.20 5.21
N LEU B 60 12.41 0.83 5.39
CA LEU B 60 12.77 2.23 5.41
C LEU B 60 12.47 2.83 6.77
N PRO B 61 13.20 3.87 7.17
CA PRO B 61 12.80 4.61 8.37
C PRO B 61 11.44 5.25 8.16
N VAL B 62 10.61 5.19 9.19
CA VAL B 62 9.31 5.84 9.14
C VAL B 62 9.55 7.30 9.47
N LYS B 63 9.73 8.11 8.43
CA LYS B 63 10.08 9.51 8.60
C LYS B 63 8.87 10.42 8.63
N SER B 64 7.69 9.90 8.27
CA SER B 64 6.47 10.69 8.33
C SER B 64 5.59 10.17 9.47
N PRO B 65 4.80 11.04 10.10
CA PRO B 65 3.96 10.63 11.24
C PRO B 65 2.72 9.86 10.83
N ARG B 66 2.90 8.89 9.93
CA ARG B 66 1.81 8.09 9.38
C ARG B 66 2.39 6.76 8.92
N PHE B 67 1.56 5.71 9.00
CA PHE B 67 2.01 4.36 8.67
C PHE B 67 0.81 3.52 8.28
N ALA B 68 1.07 2.45 7.52
CA ALA B 68 0.01 1.56 7.04
C ALA B 68 0.48 0.11 7.08
N LEU B 69 -0.45 -0.79 7.37
CA LEU B 69 -0.21 -2.22 7.43
C LEU B 69 -1.21 -2.96 6.57
N PHE B 70 -0.74 -3.98 5.87
CA PHE B 70 -1.51 -4.70 4.87
C PHE B 70 -1.78 -6.13 5.33
N ASP B 71 -3.04 -6.56 5.20
CA ASP B 71 -3.48 -7.94 5.48
C ASP B 71 -3.10 -8.39 6.89
N LEU B 72 -3.56 -7.64 7.88
CA LEU B 72 -3.54 -8.16 9.24
C LEU B 72 -4.60 -9.24 9.38
N ALA B 73 -4.40 -10.14 10.36
CA ALA B 73 -5.27 -11.29 10.50
C ALA B 73 -6.70 -10.86 10.82
N GLU B 74 -7.64 -11.33 10.02
CA GLU B 74 -9.02 -10.89 10.12
C GLU B 74 -9.68 -11.44 11.37
N GLY B 75 -10.52 -10.61 12.00
CA GLY B 75 -11.15 -10.97 13.25
C GLY B 75 -10.29 -10.79 14.48
N LYS B 76 -9.05 -10.34 14.33
CA LYS B 76 -8.17 -10.11 15.47
C LYS B 76 -8.15 -8.63 15.82
N SER B 77 -7.97 -8.34 17.11
CA SER B 77 -7.93 -6.99 17.63
C SER B 77 -6.49 -6.66 18.04
N TYR B 78 -6.03 -5.47 17.67
CA TYR B 78 -4.67 -5.04 17.93
C TYR B 78 -4.67 -3.68 18.62
N CYS B 79 -3.57 -3.40 19.31
CA CYS B 79 -3.28 -2.08 19.85
C CYS B 79 -1.98 -1.59 19.24
N PHE B 80 -1.89 -0.28 18.98
CA PHE B 80 -0.71 0.30 18.37
C PHE B 80 -0.22 1.46 19.22
N ARG B 81 1.09 1.69 19.17
CA ARG B 81 1.70 2.83 19.86
C ARG B 81 2.98 3.20 19.12
N VAL B 82 3.34 4.48 19.17
CA VAL B 82 4.46 5.02 18.41
C VAL B 82 5.42 5.71 19.36
N ARG B 83 6.72 5.55 19.11
CA ARG B 83 7.77 6.26 19.84
C ARG B 83 8.72 6.94 18.86
N CYS B 84 9.39 7.99 19.34
CA CYS B 84 10.34 8.76 18.55
C CYS B 84 11.77 8.36 18.87
N SER B 85 12.64 8.47 17.87
CA SER B 85 14.03 8.06 17.99
C SER B 85 14.93 9.17 17.45
N ASN B 86 15.98 9.50 18.21
CA ASN B 86 17.06 10.40 17.83
C ASN B 86 18.34 9.60 17.66
N SER B 87 19.46 10.32 17.49
CA SER B 87 20.76 9.73 17.73
C SER B 87 21.03 9.57 19.23
N ALA B 88 20.30 10.30 20.06
CA ALA B 88 20.47 10.21 21.51
C ALA B 88 19.87 8.92 22.06
N GLY B 89 18.69 8.54 21.59
CA GLY B 89 18.04 7.35 22.07
C GLY B 89 16.61 7.28 21.58
N VAL B 90 15.85 6.38 22.22
CA VAL B 90 14.44 6.14 21.88
C VAL B 90 13.59 6.65 23.04
N GLY B 91 12.60 7.48 22.71
CA GLY B 91 11.76 8.08 23.72
C GLY B 91 10.59 7.21 24.13
N GLU B 92 9.81 7.72 25.08
CA GLU B 92 8.72 6.97 25.66
C GLU B 92 7.57 6.83 24.66
N PRO B 93 6.74 5.79 24.80
CA PRO B 93 5.69 5.54 23.81
C PRO B 93 4.50 6.47 23.97
N SER B 94 3.72 6.53 22.90
CA SER B 94 2.45 7.25 22.91
C SER B 94 1.39 6.43 23.62
N GLU B 95 0.24 7.05 23.84
CA GLU B 95 -0.92 6.29 24.26
C GLU B 95 -1.42 5.40 23.13
N ALA B 96 -1.89 4.22 23.49
CA ALA B 96 -2.30 3.23 22.51
C ALA B 96 -3.72 3.50 22.00
N THR B 97 -4.00 2.98 20.80
CA THR B 97 -5.34 2.97 20.23
C THR B 97 -5.63 1.60 19.65
N GLU B 98 -6.87 1.15 19.77
CA GLU B 98 -7.25 -0.20 19.40
C GLU B 98 -7.94 -0.22 18.04
N VAL B 99 -7.77 -1.33 17.32
CA VAL B 99 -8.49 -1.55 16.07
C VAL B 99 -8.77 -3.05 15.94
N THR B 100 -9.94 -3.38 15.38
CA THR B 100 -10.32 -4.76 15.08
C THR B 100 -10.37 -4.94 13.56
N VAL B 101 -9.70 -5.97 13.09
CA VAL B 101 -9.59 -6.22 11.65
C VAL B 101 -10.67 -7.16 11.18
#